data_8U2E
#
_entry.id   8U2E
#
_cell.length_a   38.150
_cell.length_b   77.960
_cell.length_c   106.000
_cell.angle_alpha   90.000
_cell.angle_beta   90.000
_cell.angle_gamma   90.000
#
_symmetry.space_group_name_H-M   'P 21 21 21'
#
loop_
_entity.id
_entity.type
_entity.pdbx_description
1 polymer 'Tyrosine-protein kinase BTK'
2 non-polymer (2S)-6-fluoro-5-[(3S)-3-(3-methyl-2-oxoimidazolidin-1-yl)piperidin-1-yl]-2-(4-methylpiperazine-1-carbonyl)-2,3,4,9-tetrahydro-1H-carbazole-8-carboxamide
3 non-polymer 1,2-ETHANEDIOL
4 non-polymer 'CHLORIDE ION'
5 non-polymer 'IODIDE ION'
6 water water
#
_entity_poly.entity_id   1
_entity_poly.type   'polypeptide(L)'
_entity_poly.pdbx_seq_one_letter_code
;GLGYGSWEIDPKDLTFLKELGTGQFGVVKYGKWRGQYDVAIKMIKEGSMSEDEFIEEAKVMMNLSHEKLVQLYGVCTKQR
PIFIITEYMANGCLLNYLREMRHRFQTQQLLEMCKDVCEAMEYLESKQFLHRDLAARNCLVNDQGVVKVSDFGLSRYVLD
DEYTSSVGSKFPVRWSPPEVLMYSKFSSKSDIWAFGVLMWEIYSLGKMPYERFTNSETAEHIAQGLRLYRPHLASEKVYT
IMYSCWHEKADERPTFKILLSNILDVMDEE
;
_entity_poly.pdbx_strand_id   A
#
loop_
_chem_comp.id
_chem_comp.type
_chem_comp.name
_chem_comp.formula
CL non-polymer 'CHLORIDE ION' 'Cl -1'
EDO non-polymer 1,2-ETHANEDIOL 'C2 H6 O2'
IOD non-polymer 'IODIDE ION' 'I -1'
UP9 non-polymer (2S)-6-fluoro-5-[(3S)-3-(3-methyl-2-oxoimidazolidin-1-yl)piperidin-1-yl]-2-(4-methylpiperazine-1-carbonyl)-2,3,4,9-tetrahydro-1H-carbazole-8-carboxamide 'C28 H38 F N7 O3'
#
# COMPACT_ATOMS: atom_id res chain seq x y z
N GLY A 1 -21.08 13.50 -7.51
CA GLY A 1 -20.65 12.58 -8.55
C GLY A 1 -19.55 11.63 -8.07
N LEU A 2 -18.83 11.03 -9.03
CA LEU A 2 -17.67 10.19 -8.78
C LEU A 2 -16.40 10.99 -9.09
N GLY A 3 -15.81 11.56 -8.05
CA GLY A 3 -14.65 12.41 -8.24
C GLY A 3 -14.95 13.78 -8.77
N TYR A 4 -16.23 14.12 -8.92
CA TYR A 4 -16.71 15.39 -9.43
C TYR A 4 -17.92 15.78 -8.60
N GLY A 5 -18.03 17.04 -8.21
CA GLY A 5 -19.19 17.46 -7.44
C GLY A 5 -19.08 17.02 -5.98
N SER A 6 -20.24 16.73 -5.38
CA SER A 6 -20.25 16.34 -3.97
CA SER A 6 -20.27 16.32 -3.98
C SER A 6 -19.52 15.01 -3.79
N TRP A 7 -18.74 14.92 -2.72
CA TRP A 7 -18.08 13.66 -2.38
C TRP A 7 -18.83 12.88 -1.31
N GLU A 8 -19.97 13.39 -0.86
CA GLU A 8 -20.97 12.56 -0.20
C GLU A 8 -21.75 11.86 -1.31
N ILE A 9 -21.62 10.55 -1.40
CA ILE A 9 -22.21 9.81 -2.49
C ILE A 9 -23.58 9.30 -2.06
N ASP A 10 -24.57 9.48 -2.92
CA ASP A 10 -25.92 9.02 -2.68
C ASP A 10 -25.97 7.50 -2.85
N PRO A 11 -26.16 6.73 -1.78
CA PRO A 11 -26.15 5.26 -1.93
C PRO A 11 -27.24 4.74 -2.84
N LYS A 12 -28.24 5.56 -3.17
CA LYS A 12 -29.25 5.17 -4.14
C LYS A 12 -28.74 5.15 -5.57
N ASP A 13 -27.54 5.69 -5.82
CA ASP A 13 -26.91 5.57 -7.12
C ASP A 13 -26.07 4.31 -7.24
N LEU A 14 -25.88 3.58 -6.16
CA LEU A 14 -25.02 2.41 -6.12
C LEU A 14 -25.84 1.15 -6.34
N THR A 15 -25.33 0.25 -7.17
CA THR A 15 -25.88 -1.09 -7.26
C THR A 15 -24.77 -2.07 -6.86
N PHE A 16 -25.05 -2.93 -5.88
CA PHE A 16 -24.09 -3.95 -5.48
C PHE A 16 -24.15 -5.11 -6.44
N LEU A 17 -22.99 -5.52 -6.94
CA LEU A 17 -22.90 -6.58 -7.94
C LEU A 17 -22.21 -7.84 -7.42
N LYS A 18 -21.08 -7.69 -6.74
CA LYS A 18 -20.34 -8.87 -6.30
C LYS A 18 -19.63 -8.57 -4.99
N GLU A 19 -19.51 -9.63 -4.18
CA GLU A 19 -18.77 -9.58 -2.93
C GLU A 19 -17.29 -9.74 -3.25
N LEU A 20 -16.47 -8.78 -2.85
CA LEU A 20 -15.04 -8.91 -3.10
C LEU A 20 -14.29 -9.61 -1.96
N GLY A 21 -14.86 -9.70 -0.76
CA GLY A 21 -14.21 -10.28 0.40
C GLY A 21 -14.28 -9.33 1.58
N THR A 22 -13.48 -9.58 2.60
CA THR A 22 -13.40 -8.68 3.73
C THR A 22 -11.95 -8.28 3.99
N GLY A 23 -11.75 -7.00 4.31
CA GLY A 23 -10.45 -6.47 4.66
C GLY A 23 -10.40 -5.90 6.07
N GLN A 24 -9.49 -4.94 6.30
CA GLN A 24 -9.25 -4.44 7.65
C GLN A 24 -10.52 -3.89 8.30
N PHE A 25 -11.42 -3.33 7.50
CA PHE A 25 -12.62 -2.70 8.00
C PHE A 25 -13.87 -3.51 7.69
N GLY A 26 -13.74 -4.75 7.25
CA GLY A 26 -14.92 -5.54 6.96
C GLY A 26 -15.23 -5.73 5.49
N VAL A 27 -16.53 -5.76 5.18
CA VAL A 27 -17.04 -6.13 3.86
C VAL A 27 -16.59 -5.15 2.78
N VAL A 28 -16.10 -5.68 1.66
CA VAL A 28 -15.80 -4.91 0.46
C VAL A 28 -16.63 -5.49 -0.69
N LYS A 29 -17.29 -4.62 -1.44
CA LYS A 29 -18.12 -5.07 -2.57
C LYS A 29 -17.70 -4.36 -3.85
N TYR A 30 -17.92 -5.07 -4.96
CA TYR A 30 -17.86 -4.46 -6.28
C TYR A 30 -19.26 -4.01 -6.66
N GLY A 31 -19.36 -2.83 -7.27
CA GLY A 31 -20.64 -2.37 -7.72
C GLY A 31 -20.51 -1.36 -8.84
N LYS A 32 -21.64 -0.74 -9.18
CA LYS A 32 -21.68 0.29 -10.21
C LYS A 32 -22.32 1.55 -9.66
N TRP A 33 -21.81 2.69 -10.12
CA TRP A 33 -22.41 3.99 -9.80
C TRP A 33 -23.24 4.47 -11.00
N ARG A 34 -24.52 4.70 -10.75
CA ARG A 34 -25.48 5.11 -11.78
C ARG A 34 -25.46 4.13 -12.95
N GLY A 35 -25.34 2.85 -12.61
CA GLY A 35 -25.42 1.79 -13.58
C GLY A 35 -24.27 1.70 -14.55
N GLN A 36 -23.40 2.69 -14.62
CA GLN A 36 -22.32 2.67 -15.61
C GLN A 36 -20.92 2.51 -15.03
N TYR A 37 -20.53 3.27 -14.00
CA TYR A 37 -19.12 3.29 -13.59
C TYR A 37 -18.82 2.30 -12.47
N ASP A 38 -17.76 1.53 -12.65
CA ASP A 38 -17.33 0.55 -11.65
C ASP A 38 -16.80 1.25 -10.41
N VAL A 39 -17.16 0.73 -9.24
CA VAL A 39 -16.64 1.21 -7.96
C VAL A 39 -16.37 0.02 -7.06
N ALA A 40 -15.47 0.22 -6.11
CA ALA A 40 -15.40 -0.67 -4.96
C ALA A 40 -16.06 0.05 -3.79
N ILE A 41 -16.77 -0.73 -2.96
CA ILE A 41 -17.54 -0.19 -1.84
C ILE A 41 -16.99 -0.83 -0.57
N LYS A 42 -16.26 -0.05 0.23
CA LYS A 42 -15.76 -0.51 1.52
C LYS A 42 -16.83 -0.16 2.55
N MET A 43 -17.43 -1.16 3.17
CA MET A 43 -18.35 -0.92 4.29
C MET A 43 -17.58 -1.02 5.61
N ILE A 44 -17.61 0.05 6.40
CA ILE A 44 -16.70 0.22 7.53
C ILE A 44 -17.41 -0.35 8.77
N LYS A 45 -16.98 -1.54 9.20
CA LYS A 45 -17.55 -2.17 10.39
C LYS A 45 -17.54 -1.19 11.55
N GLU A 46 -18.65 -1.11 12.28
CA GLU A 46 -18.73 -0.18 13.39
C GLU A 46 -17.78 -0.63 14.51
N GLY A 47 -17.11 0.35 15.11
CA GLY A 47 -16.11 0.10 16.13
C GLY A 47 -14.72 -0.17 15.60
N SER A 48 -14.54 -0.19 14.28
CA SER A 48 -13.24 -0.52 13.70
C SER A 48 -12.46 0.71 13.25
N MET A 49 -13.11 1.87 13.07
CA MET A 49 -12.34 3.03 12.65
C MET A 49 -12.79 4.27 13.38
N SER A 50 -11.83 5.17 13.57
CA SER A 50 -12.06 6.51 14.11
C SER A 50 -12.68 7.35 12.99
N GLU A 51 -14.02 7.30 12.92
CA GLU A 51 -14.73 7.77 11.73
C GLU A 51 -14.70 9.30 11.60
N ASP A 52 -14.85 10.03 12.69
CA ASP A 52 -14.83 11.48 12.59
C ASP A 52 -13.50 11.97 12.03
N GLU A 53 -12.39 11.50 12.63
CA GLU A 53 -11.07 11.89 12.16
C GLU A 53 -10.85 11.44 10.73
N PHE A 54 -11.32 10.24 10.37
CA PHE A 54 -11.15 9.80 8.99
C PHE A 54 -11.87 10.73 8.03
N ILE A 55 -13.14 11.04 8.32
CA ILE A 55 -13.93 11.86 7.41
C ILE A 55 -13.30 13.23 7.24
N GLU A 56 -12.75 13.80 8.32
CA GLU A 56 -12.00 15.04 8.18
C GLU A 56 -10.80 14.83 7.27
N GLU A 57 -10.03 13.75 7.50
CA GLU A 57 -8.87 13.52 6.64
C GLU A 57 -9.28 13.23 5.20
N ALA A 58 -10.48 12.68 4.98
CA ALA A 58 -10.92 12.40 3.61
C ALA A 58 -10.94 13.65 2.74
N LYS A 59 -11.18 14.83 3.32
CA LYS A 59 -11.08 16.06 2.54
C LYS A 59 -9.69 16.22 1.93
N VAL A 60 -8.64 16.02 2.74
CA VAL A 60 -7.27 16.05 2.23
C VAL A 60 -7.08 14.98 1.15
N MET A 61 -7.57 13.75 1.40
CA MET A 61 -7.37 12.66 0.46
C MET A 61 -8.05 12.94 -0.88
N MET A 62 -9.21 13.60 -0.88
CA MET A 62 -9.86 13.94 -2.14
C MET A 62 -9.02 14.88 -2.99
N ASN A 63 -8.15 15.65 -2.37
CA ASN A 63 -7.33 16.57 -3.13
C ASN A 63 -6.06 15.92 -3.68
N LEU A 64 -5.79 14.68 -3.30
CA LEU A 64 -4.68 13.95 -3.89
C LEU A 64 -5.16 13.35 -5.20
N SER A 65 -4.32 13.45 -6.23
CA SER A 65 -4.68 12.94 -7.55
C SER A 65 -3.41 12.46 -8.23
N HIS A 66 -3.31 11.15 -8.49
CA HIS A 66 -2.18 10.61 -9.23
C HIS A 66 -2.62 9.33 -9.89
N GLU A 67 -2.14 9.12 -11.11
CA GLU A 67 -2.53 7.92 -11.86
C GLU A 67 -2.29 6.65 -11.05
N LYS A 68 -1.21 6.61 -10.28
CA LYS A 68 -0.80 5.39 -9.58
C LYS A 68 -1.29 5.34 -8.14
N LEU A 69 -2.23 6.21 -7.78
CA LEU A 69 -2.93 6.19 -6.51
C LEU A 69 -4.36 5.73 -6.70
N VAL A 70 -4.79 4.73 -5.95
CA VAL A 70 -6.19 4.33 -6.00
C VAL A 70 -7.06 5.51 -5.60
N GLN A 71 -7.94 5.94 -6.50
CA GLN A 71 -8.69 7.17 -6.30
C GLN A 71 -9.79 6.99 -5.26
N LEU A 72 -9.90 7.93 -4.35
CA LEU A 72 -11.04 7.98 -3.44
C LEU A 72 -12.14 8.81 -4.10
N TYR A 73 -13.31 8.20 -4.33
CA TYR A 73 -14.42 8.88 -4.97
C TYR A 73 -15.28 9.64 -3.98
N GLY A 74 -15.49 9.08 -2.79
CA GLY A 74 -16.28 9.76 -1.79
C GLY A 74 -16.73 8.78 -0.71
N VAL A 75 -17.72 9.24 0.07
CA VAL A 75 -18.18 8.52 1.25
C VAL A 75 -19.71 8.55 1.31
N CYS A 76 -20.27 7.57 2.01
CA CYS A 76 -21.70 7.50 2.29
C CYS A 76 -21.84 7.45 3.81
N THR A 77 -22.15 8.60 4.42
CA THR A 77 -22.11 8.71 5.87
C THR A 77 -23.47 8.85 6.53
N LYS A 78 -24.56 8.90 5.77
CA LYS A 78 -25.91 9.12 6.32
C LYS A 78 -26.64 7.82 6.64
N GLN A 79 -25.93 6.89 7.26
CA GLN A 79 -26.38 5.51 7.35
C GLN A 79 -25.39 4.72 8.19
N ARG A 80 -25.81 3.55 8.64
CA ARG A 80 -24.95 2.65 9.40
C ARG A 80 -24.81 1.33 8.66
N PRO A 81 -23.59 0.82 8.42
CA PRO A 81 -22.29 1.47 8.64
C PRO A 81 -22.06 2.50 7.54
N ILE A 82 -21.02 3.34 7.66
CA ILE A 82 -20.65 4.22 6.56
C ILE A 82 -19.95 3.41 5.46
N PHE A 83 -19.98 3.96 4.25
CA PHE A 83 -19.34 3.39 3.06
C PHE A 83 -18.19 4.30 2.61
N ILE A 84 -17.13 3.69 2.10
CA ILE A 84 -16.06 4.39 1.39
C ILE A 84 -16.03 3.88 -0.05
N ILE A 85 -16.13 4.80 -1.00
CA ILE A 85 -16.27 4.47 -2.42
C ILE A 85 -14.95 4.83 -3.12
N THR A 86 -14.34 3.85 -3.79
CA THR A 86 -13.05 4.04 -4.43
C THR A 86 -13.05 3.49 -5.85
N GLU A 87 -11.97 3.80 -6.56
CA GLU A 87 -11.68 3.21 -7.86
C GLU A 87 -11.66 1.69 -7.78
N TYR A 88 -12.23 1.04 -8.79
CA TYR A 88 -12.29 -0.42 -8.84
C TYR A 88 -11.04 -1.00 -9.51
N MET A 89 -10.44 -2.00 -8.89
CA MET A 89 -9.20 -2.60 -9.33
C MET A 89 -9.47 -4.09 -9.57
N ALA A 90 -9.70 -4.46 -10.84
CA ALA A 90 -10.31 -5.76 -11.13
C ALA A 90 -9.43 -6.94 -10.75
N ASN A 91 -8.12 -6.75 -10.65
CA ASN A 91 -7.22 -7.85 -10.38
C ASN A 91 -6.82 -7.97 -8.93
N GLY A 92 -7.38 -7.15 -8.04
CA GLY A 92 -7.23 -7.39 -6.61
C GLY A 92 -5.89 -6.94 -6.06
N CYS A 93 -5.57 -7.44 -4.88
CA CYS A 93 -4.40 -6.90 -4.19
C CYS A 93 -3.14 -7.49 -4.79
N LEU A 94 -2.09 -6.67 -4.80
CA LEU A 94 -0.81 -7.03 -5.43
C LEU A 94 -0.24 -8.31 -4.84
N LEU A 95 -0.43 -8.55 -3.54
CA LEU A 95 0.18 -9.72 -2.92
C LEU A 95 -0.37 -11.02 -3.51
N ASN A 96 -1.71 -11.16 -3.53
CA ASN A 96 -2.34 -12.32 -4.14
C ASN A 96 -1.92 -12.46 -5.60
N TYR A 97 -1.86 -11.34 -6.31
CA TYR A 97 -1.50 -11.33 -7.74
C TYR A 97 -0.11 -11.90 -7.97
N LEU A 98 0.87 -11.41 -7.19
CA LEU A 98 2.23 -11.96 -7.24
C LEU A 98 2.24 -13.46 -7.00
N ARG A 99 1.39 -13.95 -6.10
CA ARG A 99 1.43 -15.35 -5.70
C ARG A 99 0.79 -16.30 -6.70
N GLU A 100 0.04 -15.78 -7.68
CA GLU A 100 -0.57 -16.58 -8.73
C GLU A 100 0.49 -16.94 -9.75
N MET A 101 1.00 -18.16 -9.66
CA MET A 101 2.12 -18.55 -10.51
C MET A 101 1.74 -18.64 -12.00
N ARG A 102 0.44 -18.67 -12.33
CA ARG A 102 0.05 -18.75 -13.73
C ARG A 102 0.50 -17.53 -14.53
N HIS A 103 0.60 -16.36 -13.89
CA HIS A 103 0.99 -15.16 -14.63
C HIS A 103 2.36 -15.30 -15.30
N ARG A 104 3.23 -16.15 -14.77
CA ARG A 104 4.58 -16.36 -15.33
C ARG A 104 5.25 -15.02 -15.67
N PHE A 105 5.30 -14.14 -14.68
CA PHE A 105 5.85 -12.80 -14.86
C PHE A 105 7.27 -12.83 -15.40
N GLN A 106 7.57 -11.93 -16.32
CA GLN A 106 8.94 -11.54 -16.63
C GLN A 106 9.44 -10.54 -15.59
N THR A 107 10.76 -10.45 -15.44
CA THR A 107 11.29 -9.45 -14.52
C THR A 107 11.05 -8.03 -15.02
N GLN A 108 10.87 -7.83 -16.33
CA GLN A 108 10.48 -6.52 -16.84
C GLN A 108 9.16 -6.06 -16.23
N GLN A 109 8.22 -7.00 -16.05
CA GLN A 109 6.93 -6.68 -15.45
C GLN A 109 7.09 -6.36 -13.97
N LEU A 110 7.89 -7.16 -13.25
CA LEU A 110 8.11 -6.91 -11.84
C LEU A 110 8.71 -5.53 -11.62
N LEU A 111 9.72 -5.18 -12.41
CA LEU A 111 10.33 -3.85 -12.32
C LEU A 111 9.29 -2.74 -12.54
N GLU A 112 8.39 -2.91 -13.51
CA GLU A 112 7.40 -1.85 -13.72
C GLU A 112 6.39 -1.80 -12.58
N MET A 113 6.15 -2.92 -11.92
CA MET A 113 5.35 -2.89 -10.70
C MET A 113 6.00 -1.96 -9.67
N CYS A 114 7.32 -2.13 -9.46
CA CYS A 114 8.05 -1.25 -8.55
C CYS A 114 7.95 0.20 -8.99
N LYS A 115 8.01 0.43 -10.30
CA LYS A 115 7.95 1.81 -10.80
C LYS A 115 6.59 2.44 -10.52
N ASP A 116 5.50 1.70 -10.76
CA ASP A 116 4.17 2.24 -10.50
C ASP A 116 4.07 2.70 -9.04
N VAL A 117 4.47 1.83 -8.11
CA VAL A 117 4.41 2.13 -6.67
C VAL A 117 5.31 3.32 -6.34
N CYS A 118 6.51 3.32 -6.89
CA CYS A 118 7.44 4.38 -6.58
C CYS A 118 6.94 5.73 -7.09
N GLU A 119 6.30 5.76 -8.27
CA GLU A 119 5.70 6.99 -8.75
C GLU A 119 4.65 7.53 -7.77
N ALA A 120 3.77 6.65 -7.28
CA ALA A 120 2.75 7.08 -6.33
C ALA A 120 3.38 7.59 -5.04
N MET A 121 4.43 6.90 -4.57
CA MET A 121 5.08 7.33 -3.33
C MET A 121 5.89 8.60 -3.52
N GLU A 122 6.42 8.84 -4.72
CA GLU A 122 7.07 10.11 -4.99
C GLU A 122 6.05 11.24 -4.92
N TYR A 123 4.85 10.99 -5.46
CA TYR A 123 3.79 11.99 -5.42
C TYR A 123 3.40 12.31 -3.98
N LEU A 124 3.15 11.27 -3.17
CA LEU A 124 2.79 11.44 -1.77
C LEU A 124 3.89 12.18 -1.00
N GLU A 125 5.15 11.81 -1.23
CA GLU A 125 6.25 12.50 -0.61
C GLU A 125 6.29 13.97 -0.99
N SER A 126 6.04 14.30 -2.27
CA SER A 126 5.99 15.71 -2.68
C SER A 126 4.85 16.45 -2.00
N LYS A 127 3.85 15.73 -1.49
CA LYS A 127 2.72 16.28 -0.78
C LYS A 127 2.89 16.20 0.75
N GLN A 128 4.07 15.78 1.23
CA GLN A 128 4.32 15.58 2.66
C GLN A 128 3.27 14.66 3.30
N PHE A 129 2.81 13.67 2.55
CA PHE A 129 1.78 12.74 3.00
C PHE A 129 2.41 11.36 3.20
N LEU A 130 2.49 10.89 4.44
CA LEU A 130 3.03 9.56 4.70
C LEU A 130 2.00 8.48 4.42
N HIS A 131 2.46 7.32 3.91
CA HIS A 131 1.56 6.18 3.78
C HIS A 131 1.35 5.50 5.13
N ARG A 132 2.46 5.13 5.79
CA ARG A 132 2.55 4.59 7.14
C ARG A 132 2.25 3.08 7.19
N ASP A 133 1.74 2.47 6.12
CA ASP A 133 1.62 1.01 6.07
C ASP A 133 1.79 0.53 4.62
N LEU A 134 2.88 0.92 3.99
CA LEU A 134 3.14 0.50 2.62
C LEU A 134 3.56 -0.97 2.59
N ALA A 135 2.90 -1.75 1.75
CA ALA A 135 3.20 -3.17 1.59
C ALA A 135 2.39 -3.69 0.40
N ALA A 136 2.79 -4.85 -0.11
CA ALA A 136 2.06 -5.44 -1.22
C ALA A 136 0.58 -5.65 -0.90
N ARG A 137 0.25 -5.99 0.34
CA ARG A 137 -1.15 -6.20 0.66
C ARG A 137 -1.95 -4.92 0.51
N ASN A 138 -1.28 -3.77 0.49
CA ASN A 138 -1.92 -2.46 0.36
C ASN A 138 -1.69 -1.84 -1.00
N CYS A 139 -1.42 -2.64 -2.01
CA CYS A 139 -1.43 -2.16 -3.39
C CYS A 139 -2.48 -2.97 -4.13
N LEU A 140 -3.05 -2.37 -5.16
CA LEU A 140 -4.07 -3.03 -5.95
C LEU A 140 -3.64 -3.05 -7.41
N VAL A 141 -4.27 -3.93 -8.18
CA VAL A 141 -3.93 -4.16 -9.58
C VAL A 141 -5.19 -4.06 -10.42
N ASN A 142 -5.16 -3.23 -11.47
CA ASN A 142 -6.34 -3.08 -12.29
C ASN A 142 -6.32 -4.05 -13.47
N ASP A 143 -7.34 -3.96 -14.32
CA ASP A 143 -7.52 -4.88 -15.44
C ASP A 143 -6.40 -4.78 -16.46
N GLN A 144 -5.59 -3.71 -16.42
CA GLN A 144 -4.47 -3.53 -17.36
C GLN A 144 -3.15 -3.92 -16.73
N GLY A 145 -3.17 -4.48 -15.52
CA GLY A 145 -1.98 -4.87 -14.80
C GLY A 145 -1.24 -3.71 -14.15
N VAL A 146 -1.81 -2.51 -14.18
CA VAL A 146 -1.19 -1.38 -13.52
C VAL A 146 -1.37 -1.53 -12.01
N VAL A 147 -0.28 -1.36 -11.25
CA VAL A 147 -0.30 -1.42 -9.78
C VAL A 147 -0.52 -0.01 -9.25
N LYS A 148 -1.38 0.10 -8.23
CA LYS A 148 -1.66 1.38 -7.59
C LYS A 148 -1.63 1.22 -6.08
N VAL A 149 -1.14 2.25 -5.40
CA VAL A 149 -1.08 2.30 -3.94
C VAL A 149 -2.45 2.63 -3.37
N SER A 150 -2.88 1.89 -2.36
CA SER A 150 -4.19 2.10 -1.77
C SER A 150 -4.13 2.28 -0.26
N ASP A 151 -5.19 2.88 0.28
CA ASP A 151 -5.38 3.03 1.73
C ASP A 151 -4.25 3.81 2.38
N PHE A 152 -3.65 4.73 1.62
CA PHE A 152 -2.59 5.57 2.16
C PHE A 152 -3.08 6.36 3.38
N GLY A 153 -2.29 6.30 4.46
CA GLY A 153 -2.58 7.03 5.67
C GLY A 153 -3.68 6.48 6.55
N LEU A 154 -4.37 5.41 6.11
CA LEU A 154 -5.54 4.91 6.84
C LEU A 154 -5.21 4.25 8.18
N SER A 155 -3.95 3.84 8.39
CA SER A 155 -3.62 3.19 9.65
C SER A 155 -3.87 4.11 10.83
N ARG A 156 -3.84 5.43 10.62
CA ARG A 156 -4.07 6.39 11.71
C ARG A 156 -5.48 6.29 12.29
N TYR A 157 -6.43 5.67 11.58
CA TYR A 157 -7.82 5.59 12.04
C TYR A 157 -8.23 4.18 12.43
N VAL A 158 -7.32 3.22 12.40
CA VAL A 158 -7.64 1.87 12.82
C VAL A 158 -7.68 1.83 14.34
N LEU A 159 -8.74 1.29 14.89
CA LEU A 159 -8.91 1.21 16.34
C LEU A 159 -8.43 -0.10 16.96
N ASP A 160 -8.14 -1.11 16.16
CA ASP A 160 -7.72 -2.42 16.68
C ASP A 160 -6.36 -2.31 17.39
N ASP A 161 -6.33 -2.69 18.67
CA ASP A 161 -5.08 -2.60 19.45
C ASP A 161 -3.99 -3.51 18.88
N GLU A 162 -4.36 -4.66 18.32
CA GLU A 162 -3.36 -5.58 17.78
C GLU A 162 -2.66 -5.02 16.54
N TYR A 163 -3.26 -4.04 15.90
CA TYR A 163 -2.64 -3.39 14.76
C TYR A 163 -1.86 -2.14 15.14
N THR A 164 -2.27 -1.48 16.24
CA THR A 164 -1.70 -0.21 16.64
C THR A 164 -0.41 -0.39 17.45
N SER A 165 -0.38 -1.36 18.36
CA SER A 165 0.81 -1.63 19.16
C SER A 165 1.95 -2.19 18.31
N SER A 166 3.16 -1.61 18.46
CA SER A 166 4.32 -2.12 17.72
C SER A 166 4.65 -3.58 18.05
N VAL A 167 4.12 -4.14 19.13
CA VAL A 167 4.25 -5.57 19.41
C VAL A 167 2.91 -6.30 19.29
N GLY A 168 1.90 -5.67 18.69
CA GLY A 168 0.67 -6.37 18.39
C GLY A 168 0.85 -7.39 17.28
N SER A 169 -0.07 -8.35 17.21
CA SER A 169 0.03 -9.43 16.23
C SER A 169 -0.26 -8.98 14.80
N LYS A 170 -0.85 -7.80 14.60
CA LYS A 170 -1.19 -7.30 13.28
C LYS A 170 -0.39 -6.09 12.86
N PHE A 171 0.51 -5.59 13.71
CA PHE A 171 1.36 -4.48 13.33
C PHE A 171 2.32 -4.91 12.21
N PRO A 172 2.64 -4.01 11.26
CA PRO A 172 3.49 -4.44 10.13
C PRO A 172 4.96 -4.46 10.51
N VAL A 173 5.29 -5.39 11.42
CA VAL A 173 6.66 -5.52 11.94
C VAL A 173 7.64 -5.73 10.81
N ARG A 174 7.30 -6.58 9.84
CA ARG A 174 8.24 -6.93 8.79
C ARG A 174 8.44 -5.82 7.76
N TRP A 175 7.65 -4.73 7.83
CA TRP A 175 7.81 -3.60 6.94
C TRP A 175 8.33 -2.36 7.66
N SER A 176 8.82 -2.51 8.90
CA SER A 176 9.16 -1.39 9.76
C SER A 176 10.67 -1.27 10.00
N PRO A 177 11.21 -0.06 9.94
CA PRO A 177 12.62 0.14 10.26
C PRO A 177 12.84 0.07 11.76
N PRO A 178 14.09 -0.07 12.19
CA PRO A 178 14.35 -0.19 13.64
C PRO A 178 13.86 0.99 14.46
N GLU A 179 13.97 2.22 13.94
CA GLU A 179 13.56 3.38 14.73
C GLU A 179 12.05 3.42 14.95
N VAL A 180 11.26 2.79 14.08
CA VAL A 180 9.84 2.59 14.35
C VAL A 180 9.65 1.55 15.45
N LEU A 181 10.29 0.38 15.32
CA LEU A 181 10.05 -0.69 16.27
C LEU A 181 10.55 -0.32 17.67
N MET A 182 11.70 0.36 17.76
CA MET A 182 12.26 0.74 19.07
C MET A 182 11.73 2.04 19.64
N TYR A 183 11.43 3.04 18.81
CA TYR A 183 11.09 4.36 19.35
C TYR A 183 9.80 4.96 18.82
N SER A 184 9.11 4.28 17.89
CA SER A 184 7.93 4.83 17.24
C SER A 184 8.27 6.11 16.46
N LYS A 185 9.47 6.13 15.84
CA LYS A 185 9.87 7.27 15.01
C LYS A 185 9.45 7.05 13.56
N PHE A 186 8.30 7.60 13.18
CA PHE A 186 7.81 7.54 11.81
C PHE A 186 8.27 8.77 11.03
N SER A 187 8.50 8.58 9.74
CA SER A 187 8.98 9.65 8.88
C SER A 187 8.81 9.18 7.43
N SER A 188 9.18 10.05 6.48
CA SER A 188 9.25 9.56 5.11
C SER A 188 10.22 8.39 5.01
N LYS A 189 11.25 8.36 5.86
CA LYS A 189 12.24 7.30 5.79
C LYS A 189 11.71 5.96 6.28
N SER A 190 10.65 5.94 7.10
CA SER A 190 10.04 4.64 7.40
C SER A 190 9.19 4.13 6.23
N ASP A 191 8.56 5.05 5.49
CA ASP A 191 7.93 4.65 4.23
C ASP A 191 8.97 4.12 3.24
N ILE A 192 10.15 4.76 3.20
CA ILE A 192 11.23 4.30 2.33
C ILE A 192 11.61 2.86 2.67
N TRP A 193 11.82 2.58 3.95
CA TRP A 193 12.16 1.23 4.36
C TRP A 193 11.11 0.24 3.92
N ALA A 194 9.83 0.61 4.08
CA ALA A 194 8.76 -0.30 3.69
C ALA A 194 8.76 -0.52 2.19
N PHE A 195 9.13 0.51 1.41
CA PHE A 195 9.16 0.35 -0.03
C PHE A 195 10.21 -0.68 -0.44
N GLY A 196 11.36 -0.67 0.25
CA GLY A 196 12.35 -1.71 0.03
C GLY A 196 11.79 -3.11 0.28
N VAL A 197 11.08 -3.30 1.39
CA VAL A 197 10.49 -4.61 1.65
C VAL A 197 9.48 -4.98 0.58
N LEU A 198 8.72 -3.99 0.10
CA LEU A 198 7.76 -4.19 -0.97
C LEU A 198 8.45 -4.64 -2.27
N MET A 199 9.55 -3.97 -2.66
CA MET A 199 10.31 -4.46 -3.81
C MET A 199 10.73 -5.92 -3.61
N TRP A 200 11.19 -6.25 -2.40
CA TRP A 200 11.57 -7.63 -2.12
C TRP A 200 10.38 -8.58 -2.29
N GLU A 201 9.20 -8.22 -1.78
CA GLU A 201 8.01 -9.05 -1.99
C GLU A 201 7.75 -9.28 -3.48
N ILE A 202 7.85 -8.22 -4.28
CA ILE A 202 7.57 -8.33 -5.71
C ILE A 202 8.56 -9.28 -6.35
N TYR A 203 9.85 -9.08 -6.10
CA TYR A 203 10.86 -9.93 -6.73
C TYR A 203 10.91 -11.32 -6.12
N SER A 204 10.29 -11.53 -4.96
CA SER A 204 10.12 -12.85 -4.37
CA SER A 204 10.13 -12.87 -4.39
C SER A 204 8.77 -13.48 -4.73
N LEU A 205 8.02 -12.87 -5.66
CA LEU A 205 6.70 -13.36 -6.04
C LEU A 205 5.79 -13.55 -4.82
N GLY A 206 5.83 -12.62 -3.88
CA GLY A 206 4.87 -12.61 -2.80
C GLY A 206 5.20 -13.45 -1.57
N LYS A 207 6.46 -13.89 -1.41
CA LYS A 207 6.85 -14.61 -0.21
C LYS A 207 6.80 -13.68 1.00
N MET A 208 6.57 -14.27 2.18
CA MET A 208 6.52 -13.43 3.37
C MET A 208 7.95 -13.08 3.79
N PRO A 209 8.24 -11.82 4.05
CA PRO A 209 9.61 -11.45 4.43
C PRO A 209 9.99 -12.07 5.79
N TYR A 210 11.25 -12.48 5.90
CA TYR A 210 11.80 -13.05 7.14
C TYR A 210 10.99 -14.26 7.61
N GLU A 211 10.51 -15.07 6.65
CA GLU A 211 9.55 -16.13 6.96
C GLU A 211 10.03 -17.09 8.05
N ARG A 212 11.33 -17.35 8.12
CA ARG A 212 11.86 -18.27 9.13
C ARG A 212 11.86 -17.68 10.54
N PHE A 213 11.49 -16.41 10.72
CA PHE A 213 11.56 -15.73 12.00
C PHE A 213 10.17 -15.27 12.43
N THR A 214 9.92 -15.33 13.73
CA THR A 214 8.75 -14.71 14.30
C THR A 214 8.87 -13.18 14.26
N ASN A 215 7.76 -12.51 14.56
CA ASN A 215 7.76 -11.05 14.57
C ASN A 215 8.79 -10.50 15.55
N SER A 216 8.91 -11.14 16.73
CA SER A 216 9.86 -10.68 17.74
C SER A 216 11.29 -10.92 17.30
N GLU A 217 11.57 -12.10 16.76
CA GLU A 217 12.92 -12.37 16.28
C GLU A 217 13.29 -11.39 15.16
N THR A 218 12.34 -11.09 14.28
CA THR A 218 12.58 -10.16 13.19
C THR A 218 12.97 -8.79 13.72
N ALA A 219 12.18 -8.26 14.65
CA ALA A 219 12.47 -6.94 15.20
C ALA A 219 13.87 -6.90 15.81
N GLU A 220 14.23 -7.94 16.56
CA GLU A 220 15.55 -7.94 17.19
C GLU A 220 16.65 -8.04 16.14
N HIS A 221 16.46 -8.88 15.13
CA HIS A 221 17.56 -9.14 14.21
C HIS A 221 17.78 -8.00 13.23
N ILE A 222 16.72 -7.36 12.72
CA ILE A 222 16.97 -6.28 11.78
C ILE A 222 17.62 -5.11 12.50
N ALA A 223 17.31 -4.92 13.78
CA ALA A 223 17.94 -3.85 14.55
C ALA A 223 19.42 -4.14 14.79
N GLN A 224 19.80 -5.42 14.80
CA GLN A 224 21.21 -5.75 14.87
C GLN A 224 21.91 -5.66 13.52
N GLY A 225 21.17 -5.76 12.41
CA GLY A 225 21.82 -5.72 11.11
C GLY A 225 21.48 -6.84 10.15
N LEU A 226 20.62 -7.78 10.55
CA LEU A 226 20.11 -8.76 9.60
C LEU A 226 19.38 -8.03 8.48
N ARG A 227 19.57 -8.47 7.23
CA ARG A 227 18.86 -7.91 6.08
C ARG A 227 18.31 -9.03 5.21
N LEU A 228 17.23 -8.73 4.48
CA LEU A 228 16.65 -9.70 3.56
C LEU A 228 17.65 -10.05 2.45
N TYR A 229 17.72 -11.34 2.12
CA TYR A 229 18.60 -11.81 1.06
CA TYR A 229 18.59 -11.83 1.06
C TYR A 229 18.11 -11.35 -0.31
N ARG A 230 19.00 -11.36 -1.28
CA ARG A 230 18.62 -11.01 -2.66
C ARG A 230 17.68 -12.08 -3.24
N PRO A 231 16.50 -11.71 -3.73
CA PRO A 231 15.65 -12.70 -4.39
C PRO A 231 16.30 -13.18 -5.68
N HIS A 232 16.06 -14.45 -5.99
CA HIS A 232 16.67 -15.03 -7.19
C HIS A 232 16.37 -14.21 -8.45
N LEU A 233 15.17 -13.67 -8.57
CA LEU A 233 14.78 -12.90 -9.74
C LEU A 233 15.37 -11.49 -9.80
N ALA A 234 15.94 -10.98 -8.70
CA ALA A 234 16.50 -9.63 -8.67
C ALA A 234 17.97 -9.66 -9.09
N SER A 235 18.32 -8.86 -10.08
CA SER A 235 19.73 -8.66 -10.40
C SER A 235 20.42 -7.91 -9.26
N GLU A 236 21.76 -7.90 -9.31
CA GLU A 236 22.53 -7.07 -8.39
C GLU A 236 22.05 -5.63 -8.40
N LYS A 237 21.82 -5.06 -9.59
CA LYS A 237 21.43 -3.65 -9.66
C LYS A 237 20.06 -3.43 -9.02
N VAL A 238 19.13 -4.35 -9.21
CA VAL A 238 17.82 -4.21 -8.57
C VAL A 238 17.94 -4.40 -7.06
N TYR A 239 18.78 -5.32 -6.61
CA TYR A 239 18.90 -5.55 -5.17
C TYR A 239 19.53 -4.35 -4.47
N THR A 240 20.53 -3.74 -5.10
CA THR A 240 21.11 -2.50 -4.57
C THR A 240 20.03 -1.47 -4.29
N ILE A 241 19.02 -1.39 -5.16
CA ILE A 241 17.95 -0.41 -4.94
C ILE A 241 17.17 -0.75 -3.68
N MET A 242 16.64 -1.98 -3.59
CA MET A 242 15.88 -2.33 -2.39
C MET A 242 16.76 -2.28 -1.14
N TYR A 243 18.00 -2.78 -1.23
CA TYR A 243 18.92 -2.74 -0.08
C TYR A 243 19.11 -1.31 0.42
N SER A 244 19.19 -0.33 -0.49
CA SER A 244 19.48 1.03 -0.06
C SER A 244 18.40 1.60 0.86
N CYS A 245 17.18 1.06 0.75
CA CYS A 245 16.07 1.47 1.59
C CYS A 245 16.24 1.03 3.04
N TRP A 246 17.17 0.12 3.35
CA TRP A 246 17.27 -0.47 4.67
C TRP A 246 18.49 -0.01 5.44
N HIS A 247 19.03 1.17 5.11
CA HIS A 247 20.14 1.69 5.90
C HIS A 247 19.72 1.84 7.36
N GLU A 248 20.65 1.53 8.26
CA GLU A 248 20.35 1.62 9.68
C GLU A 248 20.14 3.07 10.10
N LYS A 249 20.71 4.02 9.39
CA LYS A 249 20.51 5.44 9.68
C LYS A 249 19.50 5.99 8.68
N ALA A 250 18.40 6.55 9.21
CA ALA A 250 17.30 6.93 8.33
C ALA A 250 17.74 7.98 7.31
N ASP A 251 18.60 8.93 7.71
CA ASP A 251 18.96 9.99 6.78
C ASP A 251 19.92 9.52 5.70
N GLU A 252 20.44 8.29 5.80
CA GLU A 252 21.24 7.69 4.75
C GLU A 252 20.38 6.92 3.75
N ARG A 253 19.09 6.78 4.02
CA ARG A 253 18.18 6.20 3.07
C ARG A 253 17.80 7.22 1.99
N PRO A 254 17.55 6.76 0.76
CA PRO A 254 17.24 7.69 -0.33
C PRO A 254 15.84 8.27 -0.17
N THR A 255 15.54 9.30 -0.97
CA THR A 255 14.17 9.75 -1.17
C THR A 255 13.49 8.87 -2.22
N PHE A 256 12.16 8.97 -2.30
CA PHE A 256 11.42 8.33 -3.38
C PHE A 256 11.73 8.95 -4.74
N LYS A 257 12.08 10.24 -4.77
CA LYS A 257 12.55 10.82 -6.04
C LYS A 257 13.82 10.12 -6.51
N ILE A 258 14.76 9.86 -5.60
CA ILE A 258 15.99 9.18 -6.00
C ILE A 258 15.69 7.73 -6.41
N LEU A 259 14.85 7.03 -5.62
CA LEU A 259 14.51 5.64 -5.94
C LEU A 259 13.89 5.51 -7.33
N LEU A 260 12.96 6.41 -7.66
CA LEU A 260 12.35 6.38 -8.98
C LEU A 260 13.40 6.56 -10.07
N SER A 261 14.34 7.49 -9.87
N SER A 261 14.33 7.50 -9.87
CA SER A 261 15.41 7.67 -10.85
CA SER A 261 15.43 7.71 -10.82
C SER A 261 16.30 6.44 -10.96
C SER A 261 16.29 6.46 -10.94
N ASN A 262 16.56 5.77 -9.82
CA ASN A 262 17.34 4.53 -9.87
C ASN A 262 16.60 3.43 -10.62
N ILE A 263 15.29 3.33 -10.39
CA ILE A 263 14.49 2.32 -11.07
C ILE A 263 14.45 2.61 -12.56
N LEU A 264 14.29 3.88 -12.93
CA LEU A 264 14.27 4.23 -14.36
C LEU A 264 15.59 3.92 -15.02
N ASP A 265 16.72 4.14 -14.32
CA ASP A 265 18.02 3.80 -14.86
C ASP A 265 18.10 2.33 -15.24
N VAL A 266 17.58 1.45 -14.38
CA VAL A 266 17.64 0.03 -14.70
C VAL A 266 16.71 -0.28 -15.85
N MET A 267 15.52 0.31 -15.83
CA MET A 267 14.54 0.12 -16.89
C MET A 267 15.11 0.54 -18.22
N ASP A 268 15.83 1.67 -18.25
CA ASP A 268 16.34 2.24 -19.49
C ASP A 268 17.45 1.41 -20.12
N GLU A 269 18.06 0.48 -19.36
CA GLU A 269 19.09 -0.39 -19.93
C GLU A 269 18.52 -1.50 -20.82
N GLU A 270 17.26 -1.89 -20.62
CA GLU A 270 16.62 -2.94 -21.43
C GLU A 270 16.72 -2.66 -22.93
C14 UP9 B . -10.83 -2.42 -5.29
C11 UP9 B . -8.34 -8.26 -0.02
C10 UP9 B . -9.39 -8.39 1.09
C12 UP9 B . -8.67 -6.90 -0.73
C01 UP9 B . -10.65 -4.93 -4.71
C02 UP9 B . -10.46 -6.02 -3.80
C03 UP9 B . -10.25 -5.75 -2.40
C04 UP9 B . -10.23 -4.37 -2.09
C05 UP9 B . -10.43 -3.29 -3.01
C06 UP9 B . -10.65 -3.56 -4.37
C08 UP9 B . -11.05 -6.99 -0.31
C09 UP9 B . -10.81 -8.29 0.51
C18 UP9 B . -10.78 -6.85 -5.94
C19 UP9 B . -10.55 -7.20 -4.62
C20 UP9 B . -10.94 -7.78 -7.08
C21 UP9 B . -11.16 -9.27 -6.68
C22 UP9 B . -10.29 -9.58 -5.44
C23 UP9 B . -10.44 -8.61 -4.26
C24 UP9 B . -10.79 -10.29 -7.84
C27 UP9 B . -13.25 -10.60 -8.71
C28 UP9 B . -14.13 -10.93 -10.01
C30 UP9 B . -12.02 -11.65 -11.15
C31 UP9 B . -11.33 -11.86 -9.80
C32 UP9 B . -13.73 -13.41 -10.71
C34 UP9 B . -7.78 -9.47 -2.31
C36 UP9 B . -8.29 -11.77 -1.76
C37 UP9 B . -8.55 -10.87 -0.49
C39 UP9 B . -7.44 -11.23 -4.17
F13 UP9 B . -10.04 -3.94 -0.85
N07 UP9 B . -10.04 -6.72 -1.38
N15 UP9 B . -10.66 -1.08 -4.97
N17 UP9 B . -10.85 -5.47 -6.01
N25 UP9 B . -11.74 -10.89 -8.76
N29 UP9 B . -13.49 -11.94 -11.04
N33 UP9 B . -8.22 -9.46 -0.92
N35 UP9 B . -7.82 -10.80 -2.80
O16 UP9 B . -11.11 -2.69 -6.47
O26 UP9 B . -9.63 -10.64 -8.03
O38 UP9 B . -7.43 -8.50 -2.97
C1 EDO C . 15.40 -6.30 -15.39
O1 EDO C . 14.22 -6.88 -15.94
C2 EDO C . 15.17 -5.74 -13.97
O2 EDO C . 14.44 -6.66 -13.13
C1 EDO D . 24.55 -4.08 -1.31
O1 EDO D . 23.94 -4.17 -2.60
C2 EDO D . 24.96 -5.47 -0.86
O2 EDO D . 26.39 -5.60 -0.94
CL CL E . 13.70 -15.75 -4.13
I IOD F . 15.75 -13.62 5.91
#